data_7MPD
#
_entry.id   7MPD
#
_cell.length_a   83.923
_cell.length_b   83.923
_cell.length_c   42.352
_cell.angle_alpha   90.000
_cell.angle_beta   90.000
_cell.angle_gamma   120.000
#
_symmetry.space_group_name_H-M   'P 63'
#
loop_
_entity.id
_entity.type
_entity.pdbx_description
1 polymer SsoPTP
2 non-polymer '2-chloroethane-1-sulfonic acid'
3 non-polymer '4-(2-HYDROXYETHYL)-1-PIPERAZINE ETHANESULFONIC ACID'
4 water water
#
_entity_poly.entity_id   1
_entity_poly.type   'polypeptide(L)'
_entity_poly.pdbx_seq_one_letter_code
;MYWVRRKTIGGSGLPYTENEILEWRKEGVKRVLVLPEDWEIEESWGDKDYYLSILKKNGLQPLHIPIPDGGVPSDSQFLT
IMKWLLSEKEGNLVHCVGGIGRTGTILASYLILTEGLEVESAIDEVRLVRPGAVQTYEQEMFLLRVEGMRKSWLKNIYSN
S
;
_entity_poly.pdbx_strand_id   A
#
loop_
_chem_comp.id
_chem_comp.type
_chem_comp.name
_chem_comp.formula
EPE non-polymer '4-(2-HYDROXYETHYL)-1-PIPERAZINE ETHANESULFONIC ACID' 'C8 H18 N2 O4 S'
ZLJ non-polymer '2-chloroethane-1-sulfonic acid' 'C2 H5 Cl O3 S'
#
# COMPACT_ATOMS: atom_id res chain seq x y z
N MET A 1 11.60 6.54 -0.52
N MET A 1 11.54 6.68 -0.53
CA MET A 1 10.67 5.63 0.08
CA MET A 1 10.69 5.66 0.08
C MET A 1 11.05 5.41 1.55
C MET A 1 11.08 5.36 1.52
N TYR A 2 10.18 4.72 2.25
CA TYR A 2 10.41 4.35 3.63
C TYR A 2 10.02 2.89 3.81
N TRP A 3 10.76 2.15 4.61
CA TRP A 3 10.39 0.78 4.96
C TRP A 3 9.68 0.77 6.32
N VAL A 4 8.49 0.18 6.37
CA VAL A 4 7.81 -0.06 7.63
C VAL A 4 8.31 -1.33 8.30
N ARG A 5 8.53 -2.38 7.51
CA ARG A 5 9.15 -3.62 7.96
C ARG A 5 10.26 -3.90 6.94
N ARG A 6 11.52 -3.82 7.39
CA ARG A 6 12.62 -3.59 6.46
C ARG A 6 12.71 -4.66 5.39
N LYS A 7 12.71 -4.22 4.14
CA LYS A 7 12.79 -5.10 2.98
C LYS A 7 11.51 -5.90 2.70
N THR A 8 10.51 -5.87 3.59
N THR A 8 10.51 -5.88 3.58
CA THR A 8 9.25 -6.58 3.39
CA THR A 8 9.25 -6.59 3.33
C THR A 8 8.15 -5.67 2.83
C THR A 8 8.13 -5.69 2.83
N ILE A 9 7.86 -4.59 3.51
CA ILE A 9 6.84 -3.65 3.09
C ILE A 9 7.24 -2.23 3.39
N GLY A 10 7.03 -1.36 2.42
CA GLY A 10 7.36 0.04 2.52
C GLY A 10 6.39 0.88 1.73
N GLY A 11 6.60 2.19 1.82
CA GLY A 11 5.74 3.17 1.19
C GLY A 11 6.51 4.27 0.49
N SER A 12 5.80 5.00 -0.38
N SER A 12 5.80 5.00 -0.38
CA SER A 12 6.35 6.13 -1.11
CA SER A 12 6.35 6.19 -0.99
C SER A 12 5.21 6.98 -1.62
C SER A 12 5.22 6.99 -1.61
N GLY A 13 5.58 8.19 -2.08
CA GLY A 13 4.72 8.95 -2.95
C GLY A 13 4.92 8.59 -4.42
N LEU A 14 4.21 9.32 -5.29
CA LEU A 14 4.24 9.09 -6.74
C LEU A 14 5.56 9.59 -7.28
N PRO A 15 6.34 8.77 -7.98
CA PRO A 15 7.56 9.26 -8.59
C PRO A 15 7.23 10.14 -9.78
N TYR A 16 8.09 11.13 -9.98
CA TYR A 16 8.00 12.00 -11.15
C TYR A 16 9.06 11.67 -12.20
N THR A 17 10.08 10.89 -11.83
CA THR A 17 11.17 10.59 -12.74
C THR A 17 11.49 9.10 -12.60
N GLU A 18 12.13 8.56 -13.64
CA GLU A 18 12.62 7.20 -13.58
C GLU A 18 13.74 7.04 -12.56
N ASN A 19 14.51 8.12 -12.28
CA ASN A 19 15.55 8.02 -11.26
C ASN A 19 14.97 7.55 -9.93
N GLU A 20 13.78 8.03 -9.59
CA GLU A 20 13.19 7.63 -8.32
C GLU A 20 12.85 6.15 -8.30
N ILE A 21 12.40 5.63 -9.43
CA ILE A 21 12.06 4.21 -9.56
C ILE A 21 13.31 3.35 -9.46
N LEU A 22 14.41 3.81 -10.07
N LEU A 22 14.40 3.80 -10.08
CA LEU A 22 15.66 3.07 -9.96
CA LEU A 22 15.67 3.10 -9.96
C LEU A 22 16.15 3.03 -8.51
C LEU A 22 16.09 3.02 -8.50
N GLU A 23 15.91 4.10 -7.75
CA GLU A 23 16.26 4.08 -6.34
C GLU A 23 15.42 3.07 -5.56
N TRP A 24 14.13 2.93 -5.89
CA TRP A 24 13.33 1.89 -5.26
C TRP A 24 14.00 0.53 -5.47
N ARG A 25 14.39 0.26 -6.73
CA ARG A 25 15.02 -1.02 -7.03
C ARG A 25 16.29 -1.22 -6.21
N LYS A 26 17.10 -0.17 -6.09
CA LYS A 26 18.33 -0.27 -5.32
C LYS A 26 18.05 -0.57 -3.85
N GLU A 27 16.93 -0.08 -3.32
CA GLU A 27 16.53 -0.31 -1.95
C GLU A 27 15.97 -1.70 -1.70
N GLY A 28 15.72 -2.47 -2.74
CA GLY A 28 15.20 -3.81 -2.60
C GLY A 28 13.73 -3.98 -2.96
N VAL A 29 13.11 -2.96 -3.55
CA VAL A 29 11.74 -3.12 -4.01
C VAL A 29 11.70 -4.07 -5.19
N LYS A 30 10.73 -4.98 -5.17
CA LYS A 30 10.48 -5.93 -6.24
C LYS A 30 9.09 -5.80 -6.84
N ARG A 31 8.14 -5.25 -6.11
CA ARG A 31 6.71 -5.29 -6.46
C ARG A 31 6.13 -3.97 -5.99
N VAL A 32 5.21 -3.39 -6.77
CA VAL A 32 4.66 -2.06 -6.48
C VAL A 32 3.14 -2.12 -6.57
N LEU A 33 2.49 -1.70 -5.49
CA LEU A 33 1.06 -1.51 -5.40
C LEU A 33 0.79 -0.02 -5.64
N VAL A 34 0.20 0.28 -6.78
CA VAL A 34 -0.04 1.63 -7.28
C VAL A 34 -1.44 2.04 -6.87
N LEU A 35 -1.55 3.00 -5.97
CA LEU A 35 -2.83 3.47 -5.45
C LEU A 35 -3.41 4.72 -6.11
N PRO A 36 -2.66 5.62 -6.75
CA PRO A 36 -3.33 6.82 -7.28
C PRO A 36 -4.34 6.47 -8.36
N GLU A 37 -5.26 7.38 -8.56
CA GLU A 37 -6.21 7.27 -9.67
C GLU A 37 -5.53 7.60 -10.97
N ASP A 38 -6.13 7.17 -12.07
CA ASP A 38 -5.59 7.47 -13.40
C ASP A 38 -5.30 8.95 -13.56
N TRP A 39 -6.21 9.85 -13.16
CA TRP A 39 -5.97 11.26 -13.45
C TRP A 39 -4.71 11.75 -12.76
N GLU A 40 -4.40 11.23 -11.58
CA GLU A 40 -3.21 11.60 -10.85
C GLU A 40 -1.95 11.08 -11.54
N ILE A 41 -1.99 9.85 -12.02
CA ILE A 41 -0.84 9.29 -12.74
C ILE A 41 -0.62 10.01 -14.05
N GLU A 42 -1.70 10.27 -14.79
CA GLU A 42 -1.64 10.85 -16.12
C GLU A 42 -1.01 12.22 -16.08
N GLU A 43 -1.24 12.98 -15.03
CA GLU A 43 -0.61 14.29 -14.90
C GLU A 43 0.92 14.18 -14.95
N SER A 44 1.49 13.12 -14.35
CA SER A 44 2.95 12.99 -14.26
C SER A 44 3.56 12.08 -15.31
N TRP A 45 2.76 11.21 -15.95
CA TRP A 45 3.30 10.19 -16.82
C TRP A 45 2.60 10.09 -18.17
N GLY A 46 1.56 10.89 -18.39
CA GLY A 46 0.84 10.88 -19.65
C GLY A 46 -0.21 9.81 -19.72
N ASP A 47 0.14 8.58 -19.38
CA ASP A 47 -0.77 7.46 -19.54
C ASP A 47 -0.46 6.43 -18.46
N LYS A 48 -1.50 5.90 -17.81
CA LYS A 48 -1.27 4.95 -16.74
C LYS A 48 -0.53 3.73 -17.25
N ASP A 49 -0.88 3.23 -18.45
CA ASP A 49 -0.21 2.06 -18.97
C ASP A 49 1.28 2.33 -19.18
N TYR A 50 1.62 3.53 -19.63
CA TYR A 50 3.04 3.86 -19.81
C TYR A 50 3.76 3.83 -18.48
N TYR A 51 3.18 4.44 -17.46
CA TYR A 51 3.78 4.39 -16.14
C TYR A 51 4.00 2.95 -15.69
N LEU A 52 2.98 2.09 -15.79
CA LEU A 52 3.18 0.70 -15.33
C LEU A 52 4.27 0.03 -16.16
N SER A 53 4.37 0.36 -17.46
CA SER A 53 5.40 -0.22 -18.29
C SER A 53 6.80 0.22 -17.86
N ILE A 54 6.93 1.46 -17.37
CA ILE A 54 8.20 1.91 -16.84
C ILE A 54 8.55 1.14 -15.58
N LEU A 55 7.57 0.88 -14.72
CA LEU A 55 7.82 0.01 -13.56
C LEU A 55 8.31 -1.38 -14.00
N LYS A 56 7.63 -1.98 -14.97
CA LYS A 56 8.01 -3.31 -15.44
C LYS A 56 9.39 -3.29 -16.10
N LYS A 57 9.67 -2.24 -16.87
CA LYS A 57 10.96 -2.11 -17.52
C LYS A 57 12.09 -2.13 -16.51
N ASN A 58 11.81 -1.62 -15.30
CA ASN A 58 12.76 -1.57 -14.20
C ASN A 58 12.67 -2.80 -13.31
N GLY A 59 12.07 -3.87 -13.80
CA GLY A 59 12.11 -5.14 -13.09
C GLY A 59 11.15 -5.25 -11.94
N LEU A 60 10.13 -4.38 -11.87
CA LEU A 60 9.16 -4.35 -10.79
C LEU A 60 7.83 -4.90 -11.29
N GLN A 61 7.14 -5.64 -10.45
CA GLN A 61 5.83 -6.15 -10.81
C GLN A 61 4.78 -5.24 -10.21
N PRO A 62 3.93 -4.59 -11.04
CA PRO A 62 2.95 -3.65 -10.48
C PRO A 62 1.52 -4.18 -10.48
N LEU A 63 0.73 -3.59 -9.60
CA LEU A 63 -0.71 -3.81 -9.54
C LEU A 63 -1.36 -2.45 -9.31
N HIS A 64 -2.33 -2.07 -10.13
CA HIS A 64 -3.01 -0.80 -9.99
C HIS A 64 -4.36 -1.02 -9.29
N ILE A 65 -4.50 -0.44 -8.09
CA ILE A 65 -5.75 -0.50 -7.33
C ILE A 65 -6.06 0.95 -6.94
N PRO A 66 -6.83 1.66 -7.76
CA PRO A 66 -6.96 3.11 -7.56
C PRO A 66 -7.88 3.46 -6.39
N ILE A 67 -7.38 4.32 -5.51
CA ILE A 67 -8.12 4.78 -4.33
C ILE A 67 -8.16 6.31 -4.39
N PRO A 68 -9.31 6.95 -4.26
CA PRO A 68 -9.35 8.42 -4.29
CA PRO A 68 -9.35 8.42 -4.28
C PRO A 68 -8.65 9.04 -3.09
N ASP A 69 -8.11 10.25 -3.31
CA ASP A 69 -7.45 11.00 -2.25
C ASP A 69 -8.37 11.09 -1.02
N GLY A 70 -7.79 10.85 0.15
CA GLY A 70 -8.52 10.88 1.40
C GLY A 70 -9.31 9.63 1.68
N GLY A 71 -9.32 8.67 0.76
CA GLY A 71 -10.19 7.54 0.82
C GLY A 71 -9.50 6.25 1.20
N VAL A 72 -10.27 5.18 1.01
CA VAL A 72 -9.95 3.84 1.49
C VAL A 72 -10.31 2.85 0.39
N PRO A 73 -9.68 1.69 0.38
CA PRO A 73 -10.09 0.68 -0.59
C PRO A 73 -11.49 0.21 -0.28
N SER A 74 -12.23 -0.14 -1.34
CA SER A 74 -13.46 -0.89 -1.15
C SER A 74 -13.12 -2.27 -0.61
N ASP A 75 -14.12 -3.02 -0.17
CA ASP A 75 -13.85 -4.35 0.34
C ASP A 75 -13.22 -5.28 -0.72
N SER A 76 -13.70 -5.22 -1.97
N SER A 76 -13.70 -5.21 -1.96
CA SER A 76 -13.08 -6.08 -2.99
CA SER A 76 -13.12 -6.05 -3.01
C SER A 76 -11.66 -5.62 -3.28
C SER A 76 -11.70 -5.60 -3.35
N GLN A 77 -11.47 -4.28 -3.36
CA GLN A 77 -10.11 -3.79 -3.55
C GLN A 77 -9.21 -4.24 -2.42
N PHE A 78 -9.70 -4.20 -1.18
CA PHE A 78 -8.86 -4.53 -0.04
C PHE A 78 -8.48 -6.01 -0.04
N LEU A 79 -9.43 -6.88 -0.37
CA LEU A 79 -9.12 -8.29 -0.49
C LEU A 79 -8.02 -8.49 -1.52
N THR A 80 -8.17 -7.83 -2.68
CA THR A 80 -7.18 -7.94 -3.75
C THR A 80 -5.82 -7.42 -3.31
N ILE A 81 -5.81 -6.28 -2.62
CA ILE A 81 -4.56 -5.71 -2.08
C ILE A 81 -3.87 -6.67 -1.15
N MET A 82 -4.61 -7.23 -0.19
CA MET A 82 -3.98 -8.08 0.80
C MET A 82 -3.49 -9.39 0.21
N LYS A 83 -4.26 -9.98 -0.71
CA LYS A 83 -3.78 -11.16 -1.41
C LYS A 83 -2.50 -10.84 -2.17
N TRP A 84 -2.44 -9.68 -2.81
CA TRP A 84 -1.24 -9.26 -3.52
C TRP A 84 -0.03 -9.12 -2.60
N LEU A 85 -0.23 -8.42 -1.48
CA LEU A 85 0.88 -8.16 -0.57
C LEU A 85 1.36 -9.41 0.15
N LEU A 86 0.49 -10.38 0.34
CA LEU A 86 0.87 -11.60 1.05
C LEU A 86 1.27 -12.74 0.12
N SER A 87 0.98 -12.61 -1.18
CA SER A 87 1.30 -13.62 -2.20
C SER A 87 2.78 -13.83 -2.33
N GLU A 88 3.52 -12.73 -2.35
CA GLU A 88 4.96 -12.67 -2.44
C GLU A 88 5.29 -11.64 -1.39
N LYS A 89 5.81 -12.08 -0.26
CA LYS A 89 5.82 -11.19 0.89
C LYS A 89 6.97 -10.20 0.87
N GLU A 90 8.08 -10.51 0.20
CA GLU A 90 9.27 -9.66 0.27
C GLU A 90 9.28 -8.56 -0.81
N GLY A 91 9.83 -7.41 -0.47
CA GLY A 91 10.11 -6.37 -1.45
C GLY A 91 8.91 -5.59 -1.93
N ASN A 92 7.88 -5.47 -1.10
CA ASN A 92 6.67 -4.77 -1.49
C ASN A 92 6.74 -3.28 -1.20
N LEU A 93 6.42 -2.48 -2.20
CA LEU A 93 6.23 -1.05 -2.04
C LEU A 93 4.76 -0.75 -2.33
N VAL A 94 4.20 0.16 -1.55
CA VAL A 94 2.88 0.74 -1.77
C VAL A 94 3.07 2.22 -2.00
N HIS A 95 2.41 2.81 -2.99
CA HIS A 95 2.52 4.25 -3.13
C HIS A 95 1.19 4.86 -3.52
N CYS A 96 1.04 6.12 -3.13
CA CYS A 96 -0.08 6.96 -3.51
C CYS A 96 0.50 8.22 -4.14
N VAL A 97 -0.06 9.40 -3.89
CA VAL A 97 0.54 10.63 -4.41
C VAL A 97 1.55 11.17 -3.43
N GLY A 98 1.14 11.43 -2.19
CA GLY A 98 2.07 11.90 -1.17
C GLY A 98 2.77 10.83 -0.35
N GLY A 99 2.26 9.61 -0.36
CA GLY A 99 2.78 8.55 0.47
C GLY A 99 2.36 8.59 1.92
N ILE A 100 1.37 9.41 2.26
CA ILE A 100 1.01 9.68 3.65
C ILE A 100 -0.34 9.09 4.00
N GLY A 101 -1.43 9.60 3.40
CA GLY A 101 -2.76 9.19 3.77
C GLY A 101 -3.14 7.82 3.26
N ARG A 102 -3.23 7.69 1.95
CA ARG A 102 -3.67 6.44 1.35
C ARG A 102 -2.70 5.31 1.64
N THR A 103 -1.42 5.54 1.36
CA THR A 103 -0.41 4.52 1.59
C THR A 103 -0.31 4.19 3.07
N GLY A 104 -0.32 5.22 3.94
CA GLY A 104 -0.22 4.97 5.35
C GLY A 104 -1.34 4.09 5.86
N THR A 105 -2.55 4.31 5.34
CA THR A 105 -3.69 3.50 5.71
C THR A 105 -3.51 2.05 5.30
N ILE A 106 -3.08 1.82 4.06
CA ILE A 106 -2.85 0.45 3.64
C ILE A 106 -1.78 -0.22 4.50
N LEU A 107 -0.67 0.48 4.75
CA LEU A 107 0.41 -0.11 5.55
C LEU A 107 -0.05 -0.39 6.98
N ALA A 108 -0.80 0.52 7.59
CA ALA A 108 -1.32 0.28 8.94
C ALA A 108 -2.24 -0.92 8.93
N SER A 109 -3.09 -1.04 7.91
N SER A 109 -3.12 -1.02 7.93
CA SER A 109 -4.01 -2.19 7.85
CA SER A 109 -4.01 -2.18 7.82
C SER A 109 -3.27 -3.51 7.69
C SER A 109 -3.22 -3.47 7.75
N TYR A 110 -2.15 -3.47 6.97
CA TYR A 110 -1.30 -4.66 6.83
C TYR A 110 -0.75 -5.09 8.17
N LEU A 111 -0.30 -4.13 8.99
CA LEU A 111 0.19 -4.48 10.33
C LEU A 111 -0.92 -4.99 11.23
N ILE A 112 -2.10 -4.38 11.18
CA ILE A 112 -3.23 -4.88 11.95
C ILE A 112 -3.47 -6.35 11.60
N LEU A 113 -3.54 -6.65 10.32
CA LEU A 113 -3.89 -8.01 9.91
C LEU A 113 -2.76 -8.99 10.21
N THR A 114 -1.52 -8.65 9.86
CA THR A 114 -0.43 -9.61 9.98
C THR A 114 0.10 -9.75 11.40
N GLU A 115 0.11 -8.69 12.18
CA GLU A 115 0.73 -8.71 13.51
C GLU A 115 -0.28 -8.62 14.64
N GLY A 116 -1.54 -8.34 14.34
CA GLY A 116 -2.53 -8.22 15.38
C GLY A 116 -2.42 -6.95 16.18
N LEU A 117 -1.82 -5.91 15.62
CA LEU A 117 -1.71 -4.67 16.34
C LEU A 117 -3.06 -4.00 16.49
N GLU A 118 -3.22 -3.29 17.59
CA GLU A 118 -4.34 -2.37 17.76
C GLU A 118 -4.18 -1.20 16.77
N VAL A 119 -5.29 -0.52 16.47
CA VAL A 119 -5.27 0.56 15.50
C VAL A 119 -4.22 1.60 15.84
N GLU A 120 -4.25 2.11 17.07
CA GLU A 120 -3.36 3.20 17.43
C GLU A 120 -1.90 2.77 17.32
N SER A 121 -1.60 1.53 17.73
N SER A 121 -1.60 1.53 17.73
CA SER A 121 -0.23 1.03 17.63
CA SER A 121 -0.24 1.03 17.62
C SER A 121 0.19 0.89 16.17
C SER A 121 0.19 0.89 16.17
N ALA A 122 -0.70 0.40 15.30
CA ALA A 122 -0.35 0.27 13.90
C ALA A 122 -0.09 1.64 13.26
N ILE A 123 -0.94 2.63 13.55
CA ILE A 123 -0.69 3.97 13.04
C ILE A 123 0.66 4.49 13.54
N ASP A 124 0.93 4.31 14.83
CA ASP A 124 2.19 4.78 15.39
C ASP A 124 3.39 4.11 14.75
N GLU A 125 3.29 2.81 14.44
CA GLU A 125 4.39 2.10 13.80
C GLU A 125 4.68 2.65 12.41
N VAL A 126 3.64 3.01 11.65
CA VAL A 126 3.89 3.62 10.35
C VAL A 126 4.46 5.02 10.53
N ARG A 127 3.95 5.76 11.52
CA ARG A 127 4.41 7.13 11.72
C ARG A 127 5.86 7.20 12.17
N LEU A 128 6.43 6.12 12.71
CA LEU A 128 7.86 6.13 13.02
C LEU A 128 8.69 6.45 11.79
N VAL A 129 8.24 6.02 10.61
CA VAL A 129 9.00 6.21 9.39
C VAL A 129 8.30 7.14 8.41
N ARG A 130 7.02 7.45 8.61
CA ARG A 130 6.25 8.32 7.73
C ARG A 130 5.39 9.24 8.61
N PRO A 131 5.93 10.38 9.03
CA PRO A 131 5.14 11.30 9.86
C PRO A 131 3.83 11.64 9.18
N GLY A 132 2.76 11.69 9.98
CA GLY A 132 1.44 12.04 9.50
C GLY A 132 0.66 10.92 8.85
N ALA A 133 1.25 9.73 8.72
CA ALA A 133 0.56 8.63 8.04
C ALA A 133 -0.83 8.43 8.61
N VAL A 134 -1.79 8.19 7.71
CA VAL A 134 -3.21 8.01 8.02
C VAL A 134 -3.80 9.38 8.33
N GLN A 135 -4.48 9.98 7.35
CA GLN A 135 -4.82 11.39 7.42
C GLN A 135 -6.27 11.73 7.69
N THR A 136 -7.24 10.91 7.28
CA THR A 136 -8.63 11.32 7.29
C THR A 136 -9.49 10.49 8.22
N TYR A 137 -10.64 11.08 8.57
CA TYR A 137 -11.68 10.39 9.29
C TYR A 137 -12.03 9.06 8.63
N GLU A 138 -12.22 9.08 7.32
CA GLU A 138 -12.62 7.86 6.62
C GLU A 138 -11.55 6.78 6.77
N GLN A 139 -10.29 7.18 6.68
CA GLN A 139 -9.19 6.23 6.83
C GLN A 139 -9.13 5.64 8.24
N GLU A 140 -9.32 6.48 9.25
CA GLU A 140 -9.37 6.00 10.63
C GLU A 140 -10.53 5.05 10.85
N MET A 141 -11.71 5.36 10.31
CA MET A 141 -12.85 4.47 10.48
C MET A 141 -12.62 3.14 9.80
N PHE A 142 -11.97 3.15 8.63
CA PHE A 142 -11.62 1.91 7.94
C PHE A 142 -10.71 1.04 8.78
N LEU A 143 -9.69 1.63 9.40
CA LEU A 143 -8.79 0.83 10.21
C LEU A 143 -9.51 0.21 11.40
N LEU A 144 -10.44 0.96 12.01
CA LEU A 144 -11.25 0.42 13.10
C LEU A 144 -12.00 -0.82 12.64
N ARG A 145 -12.61 -0.74 11.47
CA ARG A 145 -13.37 -1.86 10.95
C ARG A 145 -12.48 -3.06 10.65
N VAL A 146 -11.32 -2.83 10.03
CA VAL A 146 -10.41 -3.92 9.72
C VAL A 146 -9.98 -4.62 11.00
N GLU A 147 -9.61 -3.84 12.03
CA GLU A 147 -9.19 -4.46 13.28
C GLU A 147 -10.30 -5.34 13.84
N GLY A 148 -11.53 -4.82 13.85
CA GLY A 148 -12.61 -5.59 14.43
C GLY A 148 -12.93 -6.83 13.66
N MET A 149 -12.62 -6.85 12.36
N MET A 149 -12.60 -6.85 12.37
CA MET A 149 -12.90 -7.96 11.47
CA MET A 149 -12.88 -7.95 11.46
C MET A 149 -11.65 -8.74 11.08
C MET A 149 -11.63 -8.71 11.05
N ARG A 150 -10.60 -8.69 11.89
CA ARG A 150 -9.33 -9.30 11.53
C ARG A 150 -9.49 -10.77 11.15
N LYS A 151 -10.21 -11.55 11.97
CA LYS A 151 -10.30 -12.98 11.73
C LYS A 151 -10.97 -13.27 10.40
N SER A 152 -12.07 -12.58 10.10
N SER A 152 -12.07 -12.57 10.11
CA SER A 152 -12.74 -12.85 8.83
CA SER A 152 -12.77 -12.77 8.85
C SER A 152 -11.93 -12.36 7.64
C SER A 152 -11.91 -12.37 7.67
N TRP A 153 -11.21 -11.24 7.78
CA TRP A 153 -10.35 -10.81 6.68
C TRP A 153 -9.30 -11.86 6.40
N LEU A 154 -8.62 -12.38 7.44
CA LEU A 154 -7.59 -13.37 7.20
C LEU A 154 -8.16 -14.62 6.55
N LYS A 155 -9.32 -15.08 7.00
CA LYS A 155 -9.92 -16.26 6.40
C LYS A 155 -10.11 -16.04 4.91
N ASN A 156 -10.64 -14.88 4.53
N ASN A 156 -10.65 -14.88 4.54
CA ASN A 156 -10.90 -14.61 3.12
CA ASN A 156 -10.92 -14.57 3.13
C ASN A 156 -9.61 -14.43 2.33
C ASN A 156 -9.63 -14.43 2.34
N ILE A 157 -8.62 -13.78 2.92
CA ILE A 157 -7.35 -13.57 2.23
C ILE A 157 -6.68 -14.90 1.92
N TYR A 158 -6.70 -15.84 2.86
N TYR A 158 -6.70 -15.82 2.88
CA TYR A 158 -5.98 -17.09 2.67
CA TYR A 158 -5.99 -17.08 2.77
C TYR A 158 -6.83 -18.20 2.09
C TYR A 158 -6.75 -18.11 1.93
N SER A 159 -8.09 -17.90 1.73
N SER A 159 -8.05 -17.92 1.75
CA SER A 159 -8.87 -18.82 0.94
CA SER A 159 -8.85 -18.83 0.96
C SER A 159 -8.35 -18.84 -0.49
C SER A 159 -8.36 -18.84 -0.48
N ASN A 160 -8.32 -20.03 -1.07
CA ASN A 160 -7.91 -20.17 -2.47
C ASN A 160 -6.51 -19.60 -2.72
C10 ZLJ B . -3.10 10.12 0.31
C9 ZLJ B . -4.12 11.10 0.97
O1S ZLJ B . -2.54 12.53 0.22
O2S ZLJ B . -1.68 11.06 -1.61
O3S ZLJ B . -0.75 11.00 0.71
S ZLJ B . -1.99 11.14 -0.14
CL1 ZLJ B . -5.34 10.43 1.73
H102 ZLJ B . -3.47 9.65 -0.44
H101 ZLJ B . -2.75 9.48 0.96
H91 ZLJ B . -4.48 11.65 0.26
H92 ZLJ B . -3.64 11.64 1.60
N1 EPE C . -2.89 -19.39 7.71
C2 EPE C . -2.71 -20.31 6.57
C3 EPE C . -4.07 -20.70 5.99
N4 EPE C . -5.03 -20.98 7.04
C5 EPE C . -4.43 -21.23 8.34
C6 EPE C . -3.64 -20.02 8.82
C7 EPE C . -6.31 -20.30 7.02
C8 EPE C . -7.53 -21.22 7.16
O8 EPE C . -7.22 -22.38 7.90
C9 EPE C . -1.59 -18.95 8.23
C10 EPE C . -0.86 -18.11 7.19
S EPE C . 0.36 -17.00 7.95
O1S EPE C . 1.35 -16.65 6.94
O2S EPE C . 1.02 -17.70 9.06
O3S EPE C . -0.29 -15.78 8.43
H21 EPE C . -2.19 -21.20 6.90
H22 EPE C . -2.11 -19.82 5.79
H31 EPE C . -3.96 -21.57 5.35
H32 EPE C . -4.44 -19.88 5.37
H51 EPE C . -3.76 -22.10 8.26
H52 EPE C . -5.21 -21.47 9.06
H61 EPE C . -2.94 -20.33 9.59
H62 EPE C . -4.33 -19.29 9.25
H71 EPE C . -6.40 -19.75 6.08
H72 EPE C . -6.33 -19.57 7.83
H81 EPE C . -7.87 -21.50 6.18
H82 EPE C . -8.32 -20.68 7.66
HO8 EPE C . -6.56 -22.91 7.40
H91 EPE C . -1.74 -18.36 9.14
H92 EPE C . -0.99 -19.82 8.48
H101 EPE C . -0.35 -18.76 6.49
H102 EPE C . -1.58 -17.51 6.63
#